data_5MUT
#
_entry.id   5MUT
#
_cell.length_a   91.080
_cell.length_b   91.080
_cell.length_c   122.522
_cell.angle_alpha   90.000
_cell.angle_beta   90.000
_cell.angle_gamma   120.000
#
_symmetry.space_group_name_H-M   'P 32 2 1'
#
loop_
_entity.id
_entity.type
_entity.pdbx_description
1 polymer 'Dihydroorotate dehydrogenase (quinone), mitochondrial'
2 non-polymer 'FLAVIN MONONUCLEOTIDE'
3 non-polymer 'OROTIC ACID'
4 non-polymer 2-methyl-5-oxidanyl-~{N}-[2,3,5,6-tetrakis(fluoranyl)-4-phenyl-phenyl]-1,2,3-triazole-4-carboxamide
5 non-polymer 'ACETATE ION'
6 non-polymer 'CHLORIDE ION'
7 water water
#
_entity_poly.entity_id   1
_entity_poly.type   'polypeptide(L)'
_entity_poly.pdbx_seq_one_letter_code
;TGDERFYAEHLMPTLQGLLDPESAHRLAVRFTSLGLLPRARFQDSDMLEVRVLGHKFRNPVGIAAGFDKHGEAVDGLYKM
GFGFVEIGSVTPKPQEGNPRPRVFRLPEDQAVINRYGFNSHGLSVVEHRLRARQQKQAKLTEDGLPLGVNLGKNKTSVDA
AEDYAEGVRVLGPLADYLVVNVSSPNTAGLRSLQGKAELRRLLTKVLQERDGLRRVHRPAVLVKIAPDLTSQDKEDIASV
VKELGIDGLIVTNTTVSRPAGLQGALRSETGGLSGKPLRDLSTQTIREMYALTQGRVPIIGVGGVSSGQDALEKIRAGAS
LVQLYTALTFWGPPVVGKVKRELEALLKEQGFGGVTDAIGADHRR
;
_entity_poly.pdbx_strand_id   A
#
loop_
_chem_comp.id
_chem_comp.type
_chem_comp.name
_chem_comp.formula
ACT non-polymer 'ACETATE ION' 'C2 H3 O2 -1'
CL non-polymer 'CHLORIDE ION' 'Cl -1'
FMN non-polymer 'FLAVIN MONONUCLEOTIDE' 'C17 H21 N4 O9 P'
HYT non-polymer 2-methyl-5-oxidanyl-~{N}-[2,3,5,6-tetrakis(fluoranyl)-4-phenyl-phenyl]-1,2,3-triazole-4-carboxamide 'C16 H10 F4 N4 O2'
ORO non-polymer 'OROTIC ACID' 'C5 H4 N2 O4'
#
# COMPACT_ATOMS: atom_id res chain seq x y z
N THR A 1 -23.40 9.15 1.00
CA THR A 1 -23.58 10.37 1.75
C THR A 1 -23.49 11.58 0.83
N GLY A 2 -23.78 12.74 1.41
CA GLY A 2 -23.71 13.98 0.67
C GLY A 2 -22.28 14.40 0.52
N ASP A 3 -21.47 14.21 1.57
CA ASP A 3 -20.03 14.48 1.48
C ASP A 3 -19.42 13.73 0.30
N GLU A 4 -19.75 12.43 0.15
CA GLU A 4 -19.14 11.61 -0.90
C GLU A 4 -19.44 12.22 -2.27
N ARG A 5 -20.70 12.58 -2.51
CA ARG A 5 -21.07 13.18 -3.79
C ARG A 5 -20.47 14.57 -3.96
N PHE A 6 -20.45 15.39 -2.92
CA PHE A 6 -19.89 16.72 -3.04
C PHE A 6 -18.40 16.69 -3.34
N TYR A 7 -17.65 15.80 -2.66
CA TYR A 7 -16.23 15.64 -2.98
C TYR A 7 -16.07 15.14 -4.40
N ALA A 8 -16.82 14.10 -4.75
CA ALA A 8 -16.59 13.42 -6.02
C ALA A 8 -17.03 14.27 -7.19
N GLU A 9 -18.15 14.98 -7.06
CA GLU A 9 -18.67 15.73 -8.21
C GLU A 9 -18.25 17.18 -8.25
N HIS A 10 -17.91 17.78 -7.12
CA HIS A 10 -17.68 19.22 -7.11
C HIS A 10 -16.29 19.60 -6.60
N LEU A 11 -15.96 19.29 -5.35
CA LEU A 11 -14.73 19.84 -4.79
C LEU A 11 -13.48 19.26 -5.45
N MET A 12 -13.41 17.93 -5.60
CA MET A 12 -12.21 17.34 -6.19
C MET A 12 -12.04 17.71 -7.66
N PRO A 13 -13.06 17.63 -8.52
CA PRO A 13 -12.86 18.09 -9.90
C PRO A 13 -12.38 19.52 -9.97
N THR A 14 -12.82 20.36 -9.01
CA THR A 14 -12.41 21.76 -8.97
C THR A 14 -10.95 21.91 -8.53
N LEU A 15 -10.54 21.24 -7.44
CA LEU A 15 -9.12 21.29 -7.09
C LEU A 15 -8.26 20.80 -8.23
N GLN A 16 -8.67 19.72 -8.90
CA GLN A 16 -7.81 19.13 -9.93
C GLN A 16 -7.75 20.03 -11.16
N GLY A 17 -8.80 20.80 -11.41
CA GLY A 17 -8.74 21.80 -12.47
C GLY A 17 -7.81 22.96 -12.13
N LEU A 18 -7.66 23.29 -10.85
CA LEU A 18 -6.79 24.40 -10.46
C LEU A 18 -5.34 24.02 -10.21
N LEU A 19 -5.06 22.78 -9.80
CA LEU A 19 -3.75 22.38 -9.29
C LEU A 19 -3.24 21.17 -10.07
N ASP A 20 -1.99 21.25 -10.54
CA ASP A 20 -1.32 20.11 -11.10
C ASP A 20 -1.26 18.99 -10.04
N PRO A 21 -1.07 17.76 -10.47
CA PRO A 21 -1.19 16.64 -9.50
C PRO A 21 -0.14 16.64 -8.37
N GLU A 22 1.11 17.03 -8.61
CA GLU A 22 2.07 17.04 -7.49
C GLU A 22 1.72 18.12 -6.45
N SER A 23 1.37 19.32 -6.92
CA SER A 23 0.92 20.37 -6.00
C SER A 23 -0.30 19.94 -5.24
N ALA A 24 -1.25 19.28 -5.92
CA ALA A 24 -2.45 18.85 -5.25
C ALA A 24 -2.11 17.83 -4.16
N HIS A 25 -1.19 16.90 -4.47
CA HIS A 25 -0.81 15.90 -3.48
C HIS A 25 -0.13 16.56 -2.27
N ARG A 26 0.75 17.51 -2.51
CA ARG A 26 1.39 18.22 -1.40
C ARG A 26 0.35 18.93 -0.53
N LEU A 27 -0.65 19.54 -1.15
CA LEU A 27 -1.73 20.16 -0.39
C LEU A 27 -2.49 19.12 0.40
N ALA A 28 -2.78 17.96 -0.22
CA ALA A 28 -3.45 16.90 0.49
C ALA A 28 -2.65 16.47 1.73
N VAL A 29 -1.32 16.31 1.59
CA VAL A 29 -0.50 15.90 2.73
C VAL A 29 -0.59 16.94 3.84
N ARG A 30 -0.48 18.21 3.48
CA ARG A 30 -0.55 19.28 4.48
C ARG A 30 -1.91 19.31 5.18
N PHE A 31 -3.02 19.26 4.43
CA PHE A 31 -4.32 19.25 5.10
C PHE A 31 -4.48 18.02 5.97
N THR A 32 -4.05 16.86 5.47
CA THR A 32 -4.23 15.65 6.25
C THR A 32 -3.41 15.72 7.53
N SER A 33 -2.18 16.23 7.45
CA SER A 33 -1.34 16.26 8.65
C SER A 33 -1.92 17.17 9.72
N LEU A 34 -2.70 18.18 9.34
CA LEU A 34 -3.39 19.09 10.25
C LEU A 34 -4.76 18.56 10.70
N GLY A 35 -5.19 17.40 10.21
CA GLY A 35 -6.50 16.91 10.60
C GLY A 35 -7.65 17.69 9.99
N LEU A 36 -7.40 18.47 8.94
CA LEU A 36 -8.44 19.25 8.25
C LEU A 36 -9.18 18.35 7.29
N LEU A 37 -10.19 17.66 7.80
CA LEU A 37 -10.77 16.55 7.07
C LEU A 37 -12.27 16.56 7.26
N PRO A 38 -13.04 16.11 6.25
CA PRO A 38 -14.49 16.01 6.40
C PRO A 38 -14.88 14.98 7.49
N PHE A 42 -18.46 6.86 9.34
CA PHE A 42 -18.59 5.41 9.41
C PHE A 42 -17.96 4.77 10.67
N GLN A 43 -18.73 3.92 11.34
CA GLN A 43 -18.30 3.20 12.53
C GLN A 43 -17.79 1.81 12.16
N ASP A 44 -16.51 1.54 12.42
CA ASP A 44 -16.00 0.20 12.13
C ASP A 44 -16.72 -0.82 13.02
N SER A 45 -17.23 -1.88 12.41
CA SER A 45 -17.94 -2.94 13.11
C SER A 45 -17.04 -4.14 13.31
N ASP A 46 -17.47 -5.06 14.16
CA ASP A 46 -16.65 -6.24 14.43
C ASP A 46 -16.42 -7.07 13.16
N MET A 47 -17.37 -7.01 12.22
CA MET A 47 -17.28 -7.74 10.95
C MET A 47 -16.01 -7.40 10.17
N LEU A 48 -15.45 -6.21 10.38
CA LEU A 48 -14.36 -5.74 9.54
C LEU A 48 -13.00 -6.00 10.15
N GLU A 49 -12.96 -6.49 11.39
CA GLU A 49 -11.69 -6.72 12.06
C GLU A 49 -10.96 -7.93 11.47
N VAL A 50 -9.65 -7.78 11.27
CA VAL A 50 -8.81 -8.87 10.77
C VAL A 50 -7.60 -9.03 11.68
N ARG A 51 -7.26 -10.28 11.99
CA ARG A 51 -6.04 -10.58 12.73
C ARG A 51 -5.05 -11.27 11.82
N VAL A 52 -3.95 -10.58 11.51
CA VAL A 52 -2.95 -11.10 10.60
C VAL A 52 -1.63 -10.39 10.88
N LEU A 53 -0.51 -11.00 10.48
CA LEU A 53 0.81 -10.40 10.61
C LEU A 53 1.14 -10.14 12.07
N GLY A 54 0.56 -10.91 12.98
CA GLY A 54 0.79 -10.67 14.40
C GLY A 54 0.06 -9.48 14.98
N HIS A 55 -0.92 -8.94 14.27
CA HIS A 55 -1.58 -7.72 14.75
C HIS A 55 -3.09 -7.80 14.54
N LYS A 56 -3.79 -6.92 15.25
CA LYS A 56 -5.20 -6.66 15.01
C LYS A 56 -5.34 -5.47 14.09
N PHE A 57 -6.21 -5.58 13.08
CA PHE A 57 -6.54 -4.48 12.18
C PHE A 57 -8.03 -4.18 12.34
N ARG A 58 -8.36 -3.00 12.85
CA ARG A 58 -9.75 -2.64 13.10
C ARG A 58 -10.60 -2.68 11.82
N ASN A 59 -10.02 -2.32 10.67
CA ASN A 59 -10.69 -2.54 9.39
C ASN A 59 -9.62 -2.85 8.35
N PRO A 60 -9.99 -3.46 7.24
CA PRO A 60 -8.99 -4.00 6.31
C PRO A 60 -8.56 -3.02 5.23
N VAL A 61 -8.92 -1.75 5.34
CA VAL A 61 -8.67 -0.76 4.29
C VAL A 61 -7.50 0.15 4.71
N GLY A 62 -6.33 0.02 4.04
CA GLY A 62 -5.17 0.81 4.37
C GLY A 62 -4.83 1.84 3.30
N ILE A 63 -4.01 2.84 3.65
CA ILE A 63 -3.49 3.77 2.65
C ILE A 63 -2.19 3.17 2.10
N ALA A 64 -2.11 2.99 0.77
CA ALA A 64 -0.94 2.39 0.15
C ALA A 64 0.31 3.29 0.25
N ALA A 65 1.48 2.65 0.11
CA ALA A 65 2.74 3.40 0.05
C ALA A 65 2.67 4.48 -1.02
N GLY A 66 3.42 5.58 -0.78
CA GLY A 66 3.53 6.65 -1.72
C GLY A 66 2.70 7.86 -1.35
N PHE A 67 1.59 7.67 -0.64
CA PHE A 67 0.81 8.87 -0.33
C PHE A 67 1.50 9.68 0.76
N ASP A 68 2.01 9.00 1.78
CA ASP A 68 2.79 9.64 2.86
C ASP A 68 4.23 9.07 2.77
N LYS A 69 4.98 9.55 1.78
CA LYS A 69 6.32 9.02 1.57
C LYS A 69 7.26 9.24 2.76
N HIS A 70 7.11 10.35 3.47
CA HIS A 70 8.08 10.76 4.49
C HIS A 70 7.53 10.69 5.90
N GLY A 71 6.36 10.09 6.12
CA GLY A 71 5.82 9.95 7.47
C GLY A 71 5.30 11.25 8.06
N GLU A 72 4.72 12.12 7.23
CA GLU A 72 4.29 13.43 7.68
C GLU A 72 2.82 13.50 8.13
N ALA A 73 2.02 12.46 7.86
CA ALA A 73 0.57 12.59 7.97
C ALA A 73 -0.08 11.37 8.58
N VAL A 74 0.69 10.58 9.34
CA VAL A 74 0.19 9.30 9.80
C VAL A 74 -1.08 9.48 10.61
N ASP A 75 -1.07 10.41 11.57
CA ASP A 75 -2.22 10.51 12.46
C ASP A 75 -3.46 10.98 11.72
N GLY A 76 -3.29 11.89 10.76
CA GLY A 76 -4.41 12.34 9.95
C GLY A 76 -4.98 11.21 9.10
N LEU A 77 -4.11 10.32 8.62
CA LEU A 77 -4.57 9.18 7.84
C LEU A 77 -5.43 8.21 8.67
N TYR A 78 -5.06 7.97 9.95
CA TYR A 78 -5.98 7.22 10.81
C TYR A 78 -7.29 7.98 10.98
N LYS A 79 -7.22 9.29 11.13
CA LYS A 79 -8.46 10.05 11.30
C LYS A 79 -9.34 9.95 10.07
N MET A 80 -8.74 9.80 8.90
CA MET A 80 -9.52 9.62 7.68
C MET A 80 -10.29 8.30 7.67
N GLY A 81 -9.93 7.35 8.53
CA GLY A 81 -10.66 6.09 8.61
C GLY A 81 -9.88 4.86 8.17
N PHE A 82 -8.63 5.01 7.71
CA PHE A 82 -7.85 3.85 7.31
C PHE A 82 -7.58 2.95 8.52
N GLY A 83 -7.72 1.63 8.34
CA GLY A 83 -7.41 0.65 9.39
C GLY A 83 -5.92 0.45 9.63
N PHE A 84 -5.08 0.85 8.70
CA PHE A 84 -3.63 0.76 8.88
C PHE A 84 -3.01 1.71 7.89
N VAL A 85 -1.79 2.14 8.18
CA VAL A 85 -1.10 3.14 7.40
C VAL A 85 0.26 2.60 6.99
N GLU A 86 0.63 2.77 5.72
CA GLU A 86 1.96 2.39 5.26
C GLU A 86 2.65 3.65 4.75
N ILE A 87 3.80 4.01 5.31
CA ILE A 87 4.57 5.17 4.83
C ILE A 87 5.71 4.69 3.94
N GLY A 88 6.32 5.63 3.21
CA GLY A 88 7.39 5.30 2.31
C GLY A 88 6.96 5.34 0.84
N SER A 89 7.85 4.90 -0.07
CA SER A 89 9.15 4.27 0.23
C SER A 89 10.19 5.25 0.80
N VAL A 90 10.96 4.81 1.83
CA VAL A 90 12.04 5.63 2.40
C VAL A 90 13.39 5.09 1.91
N THR A 91 14.24 5.97 1.34
CA THR A 91 15.60 5.53 0.97
C THR A 91 16.61 5.86 2.06
N PRO A 92 17.77 5.18 2.08
CA PRO A 92 18.76 5.44 3.16
C PRO A 92 19.20 6.89 3.24
N LYS A 93 19.74 7.45 2.17
CA LYS A 93 20.08 8.85 2.12
C LYS A 93 18.92 9.65 1.50
N PRO A 94 18.80 10.94 1.84
CA PRO A 94 17.80 11.78 1.13
C PRO A 94 18.09 11.76 -0.35
N GLN A 95 17.04 11.86 -1.16
CA GLN A 95 17.27 12.07 -2.58
C GLN A 95 16.06 12.76 -3.17
N GLU A 96 16.30 13.49 -4.26
CA GLU A 96 15.29 14.39 -4.83
C GLU A 96 14.25 13.69 -5.74
N GLY A 97 14.63 12.61 -6.37
CA GLY A 97 13.74 11.93 -7.32
C GLY A 97 13.86 12.60 -8.69
N ASN A 98 12.95 12.25 -9.58
CA ASN A 98 13.03 12.70 -10.99
C ASN A 98 12.65 14.17 -11.15
N PRO A 99 13.03 14.80 -12.28
CA PRO A 99 12.60 16.18 -12.56
C PRO A 99 11.09 16.25 -12.77
N ARG A 100 10.51 17.37 -12.39
CA ARG A 100 9.10 17.67 -12.63
C ARG A 100 8.79 18.24 -14.06
N PRO A 101 7.59 17.96 -14.59
CA PRO A 101 6.51 17.15 -14.01
C PRO A 101 6.86 15.66 -14.03
N ARG A 102 6.39 14.96 -12.97
CA ARG A 102 6.74 13.56 -12.82
C ARG A 102 5.52 12.74 -12.37
N VAL A 103 4.32 13.28 -12.52
CA VAL A 103 3.06 12.58 -12.24
C VAL A 103 2.00 13.21 -13.14
N PHE A 104 1.07 12.40 -13.61
CA PHE A 104 0.14 12.78 -14.66
C PHE A 104 -1.21 12.14 -14.40
N ARG A 105 -2.30 12.91 -14.52
CA ARG A 105 -3.65 12.36 -14.40
C ARG A 105 -4.17 11.90 -15.76
N LEU A 106 -4.91 10.78 -15.75
CA LEU A 106 -5.66 10.25 -16.90
C LEU A 106 -7.12 10.28 -16.46
N PRO A 107 -7.73 11.45 -16.49
CA PRO A 107 -9.09 11.55 -15.94
C PRO A 107 -10.08 10.63 -16.65
N GLU A 108 -9.97 10.50 -17.97
CA GLU A 108 -10.94 9.68 -18.71
C GLU A 108 -10.82 8.20 -18.37
N ASP A 109 -9.74 7.82 -17.72
CA ASP A 109 -9.48 6.43 -17.36
C ASP A 109 -9.57 6.18 -15.85
N GLN A 110 -9.83 7.21 -15.06
CA GLN A 110 -9.76 7.10 -13.60
C GLN A 110 -8.41 6.50 -13.20
N ALA A 111 -7.35 7.01 -13.83
CA ALA A 111 -6.01 6.47 -13.64
C ALA A 111 -5.01 7.61 -13.45
N VAL A 112 -3.80 7.20 -13.03
CA VAL A 112 -2.65 8.08 -12.85
C VAL A 112 -1.42 7.36 -13.40
N ILE A 113 -0.46 8.13 -13.90
CA ILE A 113 0.87 7.59 -14.20
C ILE A 113 1.87 8.41 -13.39
N ASN A 114 2.82 7.73 -12.73
CA ASN A 114 3.79 8.50 -11.94
C ASN A 114 5.19 7.97 -12.18
N ARG A 115 6.14 8.90 -12.14
CA ARG A 115 7.55 8.55 -12.16
C ARG A 115 8.29 9.45 -11.15
N TYR A 116 7.83 9.41 -9.90
CA TYR A 116 8.48 10.25 -8.85
C TYR A 116 9.95 9.89 -8.68
N GLY A 117 10.29 8.61 -8.81
CA GLY A 117 11.67 8.17 -8.68
C GLY A 117 12.19 8.12 -7.25
N PHE A 118 11.32 7.79 -6.29
CA PHE A 118 11.74 7.59 -4.89
C PHE A 118 12.33 8.88 -4.32
N ASN A 119 11.59 9.98 -4.49
CA ASN A 119 11.89 11.19 -3.73
C ASN A 119 11.71 10.86 -2.24
N SER A 120 12.73 11.14 -1.44
CA SER A 120 12.66 10.69 -0.05
C SER A 120 13.42 11.63 0.89
N HIS A 121 12.84 11.93 2.05
CA HIS A 121 13.58 12.67 3.07
C HIS A 121 14.72 11.86 3.69
N GLY A 122 14.73 10.54 3.46
CA GLY A 122 15.80 9.66 3.90
C GLY A 122 15.51 9.07 5.28
N LEU A 123 16.26 8.02 5.64
CA LEU A 123 15.94 7.27 6.86
C LEU A 123 16.03 8.13 8.14
N SER A 124 17.07 8.95 8.27
CA SER A 124 17.27 9.68 9.53
CA SER A 124 17.27 9.68 9.53
C SER A 124 16.12 10.64 9.81
N VAL A 125 15.72 11.43 8.81
CA VAL A 125 14.60 12.34 9.02
C VAL A 125 13.34 11.58 9.41
N VAL A 126 13.02 10.49 8.69
CA VAL A 126 11.81 9.75 8.99
C VAL A 126 11.91 9.09 10.37
N GLU A 127 13.08 8.57 10.72
CA GLU A 127 13.30 7.99 12.05
C GLU A 127 12.91 9.00 13.15
N HIS A 128 13.40 10.23 13.02
CA HIS A 128 13.12 11.20 14.08
C HIS A 128 11.67 11.59 14.06
N ARG A 129 11.05 11.66 12.87
CA ARG A 129 9.62 11.92 12.81
C ARG A 129 8.79 10.85 13.53
N LEU A 130 9.10 9.58 13.31
CA LEU A 130 8.32 8.53 13.95
C LEU A 130 8.65 8.45 15.45
N ARG A 131 9.92 8.68 15.82
CA ARG A 131 10.27 8.71 17.25
C ARG A 131 9.44 9.75 18.01
N ALA A 132 9.08 10.85 17.34
CA ALA A 132 8.36 11.90 18.05
C ALA A 132 6.98 11.44 18.48
N ARG A 133 6.44 10.39 17.84
CA ARG A 133 5.11 9.87 18.14
C ARG A 133 5.12 8.37 18.44
N GLN A 134 6.26 7.85 18.89
CA GLN A 134 6.45 6.41 19.00
C GLN A 134 5.44 5.78 20.00
N GLN A 135 5.19 6.45 21.15
CA GLN A 135 4.29 5.83 22.11
C GLN A 135 2.85 6.01 21.70
N LYS A 136 2.55 7.12 21.02
CA LYS A 136 1.23 7.29 20.47
C LYS A 136 0.93 6.17 19.50
N GLN A 137 1.92 5.83 18.62
CA GLN A 137 1.75 4.71 17.71
C GLN A 137 1.57 3.38 18.47
N ALA A 138 2.34 3.17 19.53
CA ALA A 138 2.19 1.91 20.26
C ALA A 138 0.75 1.74 20.73
N LYS A 139 0.13 2.80 21.24
CA LYS A 139 -1.28 2.71 21.64
C LYS A 139 -2.20 2.51 20.45
N LEU A 140 -1.98 3.25 19.37
CA LEU A 140 -2.81 3.03 18.15
C LEU A 140 -2.74 1.57 17.71
N THR A 141 -1.53 1.01 17.64
CA THR A 141 -1.38 -0.39 17.21
C THR A 141 -2.13 -1.33 18.15
N GLU A 142 -1.95 -1.13 19.46
CA GLU A 142 -2.67 -1.94 20.44
C GLU A 142 -4.19 -1.84 20.25
N ASP A 143 -4.68 -0.68 19.88
CA ASP A 143 -6.09 -0.43 19.58
C ASP A 143 -6.49 -0.87 18.17
N GLY A 144 -5.65 -1.56 17.42
CA GLY A 144 -6.05 -2.09 16.12
C GLY A 144 -5.72 -1.25 14.90
N LEU A 145 -4.77 -0.32 15.01
CA LEU A 145 -4.39 0.58 13.89
C LEU A 145 -2.88 0.49 13.67
N PRO A 146 -2.38 -0.56 13.01
CA PRO A 146 -0.94 -0.74 12.86
C PRO A 146 -0.31 0.18 11.81
N LEU A 147 1.02 0.22 11.85
CA LEU A 147 1.86 1.05 10.98
C LEU A 147 2.86 0.20 10.20
N GLY A 148 2.91 0.38 8.88
CA GLY A 148 3.91 -0.28 8.06
C GLY A 148 4.88 0.76 7.51
N VAL A 149 6.09 0.31 7.22
CA VAL A 149 7.11 1.17 6.66
C VAL A 149 7.66 0.49 5.40
N ASN A 150 7.55 1.17 4.27
CA ASN A 150 8.05 0.63 3.00
C ASN A 150 9.47 1.17 2.77
N LEU A 151 10.42 0.26 2.50
CA LEU A 151 11.84 0.59 2.42
C LEU A 151 12.32 0.58 0.98
N GLY A 152 12.99 1.66 0.56
CA GLY A 152 13.53 1.75 -0.77
C GLY A 152 15.05 1.75 -0.79
N LYS A 153 15.60 1.92 -1.98
CA LYS A 153 17.04 2.00 -2.11
C LYS A 153 17.41 3.27 -2.87
N ASN A 154 18.60 3.79 -2.62
CA ASN A 154 19.00 5.00 -3.34
C ASN A 154 19.34 4.66 -4.80
N LYS A 155 19.09 5.64 -5.65
CA LYS A 155 19.34 5.52 -7.09
C LYS A 155 20.78 5.10 -7.38
N THR A 156 21.74 5.68 -6.70
CA THR A 156 23.14 5.39 -7.04
C THR A 156 23.74 4.24 -6.23
N SER A 157 22.94 3.51 -5.46
CA SER A 157 23.48 2.47 -4.60
CA SER A 157 23.50 2.48 -4.60
C SER A 157 24.09 1.33 -5.41
N VAL A 158 25.26 0.85 -4.98
CA VAL A 158 25.87 -0.31 -5.62
C VAL A 158 25.50 -1.63 -4.93
N ASP A 159 24.89 -1.59 -3.76
CA ASP A 159 24.60 -2.81 -2.98
C ASP A 159 23.17 -2.66 -2.46
N ALA A 160 22.20 -3.10 -3.28
CA ALA A 160 20.80 -2.93 -2.91
C ALA A 160 20.47 -3.61 -1.59
N ALA A 161 21.00 -4.81 -1.37
CA ALA A 161 20.68 -5.52 -0.14
C ALA A 161 21.13 -4.71 1.09
N GLU A 162 22.27 -4.04 0.98
CA GLU A 162 22.72 -3.26 2.13
C GLU A 162 21.82 -2.04 2.36
N ASP A 163 21.30 -1.42 1.27
CA ASP A 163 20.34 -0.34 1.48
C ASP A 163 19.12 -0.85 2.25
N TYR A 164 18.60 -2.01 1.85
CA TYR A 164 17.43 -2.52 2.54
C TYR A 164 17.77 -2.90 3.98
N ALA A 165 18.97 -3.47 4.19
CA ALA A 165 19.39 -3.83 5.55
C ALA A 165 19.46 -2.60 6.46
N GLU A 166 19.99 -1.50 5.95
CA GLU A 166 20.00 -0.24 6.70
C GLU A 166 18.59 0.19 7.08
N GLY A 167 17.66 0.12 6.12
CA GLY A 167 16.28 0.45 6.44
C GLY A 167 15.69 -0.44 7.54
N VAL A 168 15.98 -1.74 7.48
CA VAL A 168 15.48 -2.63 8.52
C VAL A 168 15.99 -2.17 9.88
N ARG A 169 17.30 -1.87 9.97
CA ARG A 169 17.90 -1.52 11.27
C ARG A 169 17.36 -0.19 11.80
N VAL A 170 17.15 0.79 10.92
CA VAL A 170 16.80 2.15 11.37
C VAL A 170 15.30 2.29 11.63
N LEU A 171 14.46 1.77 10.72
CA LEU A 171 13.01 1.95 10.84
C LEU A 171 12.28 0.70 11.29
N GLY A 172 12.92 -0.47 11.20
CA GLY A 172 12.32 -1.68 11.75
C GLY A 172 11.82 -1.52 13.18
N PRO A 173 12.59 -0.91 14.07
CA PRO A 173 12.14 -0.80 15.50
C PRO A 173 10.95 0.08 15.70
N LEU A 174 10.55 0.83 14.67
CA LEU A 174 9.41 1.75 14.77
C LEU A 174 8.18 1.27 14.00
N ALA A 175 8.24 0.07 13.42
CA ALA A 175 7.20 -0.37 12.49
C ALA A 175 6.55 -1.66 12.98
N ASP A 176 5.28 -1.85 12.64
CA ASP A 176 4.63 -3.16 12.80
C ASP A 176 4.96 -4.13 11.68
N TYR A 177 5.15 -3.61 10.46
CA TYR A 177 5.67 -4.42 9.36
C TYR A 177 6.53 -3.55 8.46
N LEU A 178 7.47 -4.21 7.79
CA LEU A 178 8.34 -3.59 6.82
C LEU A 178 8.03 -4.16 5.46
N VAL A 179 8.27 -3.36 4.41
CA VAL A 179 8.06 -3.83 3.03
C VAL A 179 9.31 -3.61 2.20
N VAL A 180 9.70 -4.63 1.45
CA VAL A 180 10.79 -4.55 0.46
C VAL A 180 10.14 -4.68 -0.94
N ASN A 181 10.26 -3.67 -1.85
CA ASN A 181 9.81 -3.86 -3.26
C ASN A 181 10.76 -4.72 -4.11
N VAL A 182 10.21 -5.70 -4.82
CA VAL A 182 11.02 -6.59 -5.63
C VAL A 182 10.75 -6.39 -7.13
N GLY A 195 19.57 -14.95 -9.96
CA GLY A 195 18.26 -14.40 -10.25
C GLY A 195 17.28 -14.76 -9.14
N LYS A 196 16.72 -15.95 -9.22
CA LYS A 196 16.01 -16.48 -8.06
C LYS A 196 16.97 -16.55 -6.87
N ALA A 197 18.21 -16.95 -7.12
CA ALA A 197 19.20 -17.00 -6.06
C ALA A 197 19.58 -15.60 -5.58
N GLU A 198 19.42 -14.60 -6.44
CA GLU A 198 19.72 -13.24 -6.02
C GLU A 198 18.62 -12.69 -5.10
N LEU A 199 17.34 -13.00 -5.41
CA LEU A 199 16.26 -12.65 -4.49
C LEU A 199 16.43 -13.37 -3.15
N ARG A 200 16.84 -14.65 -3.18
CA ARG A 200 17.07 -15.39 -1.94
C ARG A 200 18.17 -14.73 -1.11
N ARG A 201 19.24 -14.29 -1.75
CA ARG A 201 20.31 -13.61 -1.01
C ARG A 201 19.81 -12.33 -0.36
N LEU A 202 19.09 -11.51 -1.11
CA LEU A 202 18.58 -10.24 -0.61
C LEU A 202 17.67 -10.46 0.58
N LEU A 203 16.67 -11.35 0.42
CA LEU A 203 15.67 -11.54 1.47
C LEU A 203 16.28 -12.23 2.67
N THR A 204 17.26 -13.10 2.43
CA THR A 204 17.95 -13.74 3.56
C THR A 204 18.62 -12.70 4.46
N LYS A 205 19.26 -11.72 3.84
CA LYS A 205 19.92 -10.64 4.59
C LYS A 205 18.90 -9.76 5.31
N VAL A 206 17.79 -9.40 4.64
CA VAL A 206 16.78 -8.59 5.30
C VAL A 206 16.23 -9.33 6.53
N LEU A 207 15.91 -10.63 6.38
CA LEU A 207 15.35 -11.38 7.47
C LEU A 207 16.36 -11.53 8.62
N GLN A 208 17.65 -11.70 8.29
CA GLN A 208 18.63 -11.77 9.37
C GLN A 208 18.67 -10.44 10.16
N GLU A 209 18.66 -9.31 9.45
CA GLU A 209 18.70 -8.02 10.15
C GLU A 209 17.46 -7.83 10.99
N ARG A 210 16.29 -8.27 10.49
CA ARG A 210 15.07 -8.17 11.27
C ARG A 210 15.16 -9.03 12.54
N ASP A 211 15.66 -10.26 12.40
CA ASP A 211 15.72 -11.17 13.52
C ASP A 211 16.67 -10.68 14.62
N GLY A 212 17.62 -9.81 14.26
CA GLY A 212 18.57 -9.19 15.17
C GLY A 212 18.01 -8.05 16.00
N LEU A 213 16.77 -7.62 15.74
CA LEU A 213 16.14 -6.58 16.58
C LEU A 213 15.50 -7.19 17.83
N ARG A 214 15.44 -6.41 18.89
CA ARG A 214 14.80 -6.85 20.11
C ARG A 214 13.32 -7.15 19.89
N ARG A 215 12.84 -8.18 20.59
CA ARG A 215 11.53 -8.77 20.28
C ARG A 215 10.39 -7.74 20.27
N VAL A 216 10.41 -6.79 21.20
CA VAL A 216 9.38 -5.74 21.22
C VAL A 216 9.48 -4.76 20.06
N HIS A 217 10.58 -4.77 19.32
CA HIS A 217 10.82 -3.89 18.19
C HIS A 217 11.04 -4.67 16.89
N ARG A 218 10.51 -5.91 16.82
CA ARG A 218 10.78 -6.82 15.71
C ARG A 218 9.55 -6.89 14.78
N PRO A 219 9.58 -6.31 13.59
CA PRO A 219 8.38 -6.25 12.73
C PRO A 219 8.26 -7.46 11.81
N ALA A 220 7.04 -7.68 11.30
CA ALA A 220 6.87 -8.57 10.15
C ALA A 220 7.58 -7.99 8.91
N VAL A 221 7.94 -8.87 7.95
CA VAL A 221 8.59 -8.48 6.71
C VAL A 221 7.74 -8.98 5.54
N LEU A 222 7.37 -8.08 4.65
CA LEU A 222 6.59 -8.40 3.47
C LEU A 222 7.35 -8.01 2.20
N VAL A 223 7.04 -8.69 1.11
CA VAL A 223 7.65 -8.39 -0.19
C VAL A 223 6.57 -7.79 -1.08
N LYS A 224 6.86 -6.66 -1.72
CA LYS A 224 5.85 -6.02 -2.59
C LYS A 224 6.25 -6.23 -4.05
N ILE A 225 5.34 -6.77 -4.84
CA ILE A 225 5.68 -7.12 -6.21
C ILE A 225 4.87 -6.29 -7.21
N ALA A 226 5.40 -6.23 -8.42
CA ALA A 226 4.73 -5.63 -9.55
C ALA A 226 3.70 -6.59 -10.16
N PRO A 227 2.76 -6.08 -10.95
CA PRO A 227 1.88 -6.96 -11.72
C PRO A 227 2.53 -7.41 -13.01
N ASP A 228 3.76 -6.99 -13.28
CA ASP A 228 4.36 -7.19 -14.59
C ASP A 228 5.28 -8.42 -14.68
N LEU A 229 5.14 -9.36 -13.79
CA LEU A 229 6.06 -10.48 -13.66
C LEU A 229 5.69 -11.58 -14.63
N THR A 230 6.70 -12.32 -15.09
CA THR A 230 6.40 -13.56 -15.82
C THR A 230 5.83 -14.62 -14.88
N SER A 231 5.23 -15.65 -15.48
CA SER A 231 4.83 -16.80 -14.69
C SER A 231 6.03 -17.41 -13.97
N GLN A 232 7.21 -17.39 -14.61
CA GLN A 232 8.38 -17.98 -13.97
C GLN A 232 8.79 -17.17 -12.75
N ASP A 233 8.78 -15.86 -12.89
CA ASP A 233 9.07 -14.97 -11.76
C ASP A 233 8.13 -15.25 -10.59
N LYS A 234 6.82 -15.28 -10.85
CA LYS A 234 5.88 -15.52 -9.78
C LYS A 234 6.14 -16.86 -9.10
N GLU A 235 6.38 -17.92 -9.87
CA GLU A 235 6.70 -19.22 -9.28
C GLU A 235 7.94 -19.12 -8.38
N ASP A 236 8.96 -18.41 -8.87
CA ASP A 236 10.22 -18.30 -8.11
C ASP A 236 10.01 -17.51 -6.82
N ILE A 237 9.25 -16.41 -6.89
CA ILE A 237 8.97 -15.62 -5.70
C ILE A 237 8.20 -16.44 -4.67
N ALA A 238 7.17 -17.16 -5.12
CA ALA A 238 6.39 -17.97 -4.19
C ALA A 238 7.27 -18.99 -3.47
N SER A 239 8.16 -19.63 -4.23
CA SER A 239 9.08 -20.62 -3.69
C SER A 239 10.00 -20.00 -2.63
N VAL A 240 10.63 -18.87 -2.95
CA VAL A 240 11.59 -18.26 -2.00
C VAL A 240 10.87 -17.71 -0.76
N VAL A 241 9.71 -17.10 -0.96
CA VAL A 241 8.93 -16.59 0.16
C VAL A 241 8.57 -17.72 1.13
N LYS A 242 8.16 -18.89 0.61
CA LYS A 242 7.78 -19.98 1.50
C LYS A 242 9.01 -20.56 2.19
N GLU A 243 10.10 -20.70 1.45
CA GLU A 243 11.34 -21.31 1.96
C GLU A 243 11.96 -20.46 3.08
N LEU A 244 11.94 -19.15 2.92
CA LEU A 244 12.59 -18.26 3.90
C LEU A 244 11.67 -17.84 5.03
N GLY A 245 10.38 -18.10 4.94
CA GLY A 245 9.50 -17.70 6.01
C GLY A 245 9.16 -16.21 5.96
N ILE A 246 9.16 -15.61 4.78
CA ILE A 246 8.66 -14.22 4.65
C ILE A 246 7.22 -14.16 5.16
N ASP A 247 6.89 -13.10 5.88
CA ASP A 247 5.61 -13.00 6.56
C ASP A 247 4.40 -12.68 5.67
N GLY A 248 4.63 -12.05 4.53
CA GLY A 248 3.47 -11.67 3.70
C GLY A 248 3.95 -11.11 2.38
N LEU A 249 2.97 -10.83 1.49
CA LEU A 249 3.19 -10.26 0.16
C LEU A 249 2.27 -9.04 0.00
N ILE A 250 2.73 -8.02 -0.70
CA ILE A 250 1.88 -6.90 -1.07
C ILE A 250 1.77 -6.94 -2.59
N VAL A 251 0.54 -6.98 -3.09
CA VAL A 251 0.26 -7.38 -4.50
C VAL A 251 -0.85 -6.46 -4.99
N THR A 252 -0.60 -5.40 -5.77
CA THR A 252 0.63 -5.07 -6.46
C THR A 252 1.00 -3.57 -6.42
N ASN A 253 2.22 -3.34 -6.89
CA ASN A 253 2.68 -2.01 -7.25
C ASN A 253 1.98 -1.58 -8.56
N THR A 254 2.39 -0.44 -9.10
CA THR A 254 1.85 0.07 -10.39
C THR A 254 2.40 -0.78 -11.54
N THR A 255 1.79 -0.61 -12.74
CA THR A 255 2.18 -1.37 -13.92
C THR A 255 2.89 -0.50 -14.96
N VAL A 256 3.95 -1.05 -15.56
CA VAL A 256 4.60 -0.41 -16.70
C VAL A 256 3.93 -0.81 -18.01
N SER A 257 2.95 -1.71 -17.98
CA SER A 257 2.14 -2.00 -19.15
C SER A 257 1.16 -0.86 -19.42
N ARG A 258 0.56 -0.89 -20.60
CA ARG A 258 -0.44 0.14 -20.96
C ARG A 258 -1.57 -0.66 -21.60
N PRO A 259 -2.54 -1.06 -20.79
CA PRO A 259 -3.65 -1.87 -21.34
C PRO A 259 -4.27 -1.18 -22.56
N ALA A 260 -4.72 -1.97 -23.54
CA ALA A 260 -5.50 -1.39 -24.62
C ALA A 260 -6.73 -0.68 -24.07
N GLY A 261 -7.06 0.48 -24.65
CA GLY A 261 -8.26 1.21 -24.29
C GLY A 261 -8.04 2.44 -23.43
N LEU A 262 -6.84 2.71 -22.94
CA LEU A 262 -6.57 3.97 -22.26
C LEU A 262 -6.90 5.12 -23.21
N GLN A 263 -7.59 6.13 -22.67
CA GLN A 263 -8.01 7.31 -23.46
C GLN A 263 -7.25 8.59 -23.11
N GLY A 264 -6.73 8.70 -21.88
CA GLY A 264 -6.09 9.93 -21.46
C GLY A 264 -5.03 10.36 -22.47
N ALA A 265 -4.94 11.68 -22.69
CA ALA A 265 -3.92 12.20 -23.60
C ALA A 265 -2.50 11.85 -23.14
N LEU A 266 -2.31 11.65 -21.83
CA LEU A 266 -0.98 11.42 -21.26
C LEU A 266 -0.65 9.92 -21.08
N ARG A 267 -1.37 9.05 -21.78
CA ARG A 267 -1.27 7.61 -21.58
C ARG A 267 0.13 7.07 -21.93
N SER A 268 0.91 7.79 -22.74
CA SER A 268 2.21 7.32 -23.17
C SER A 268 3.39 7.96 -22.40
N GLU A 269 3.09 8.67 -21.32
CA GLU A 269 4.15 9.11 -20.41
C GLU A 269 4.80 7.88 -19.77
N THR A 270 6.11 7.98 -19.55
CA THR A 270 6.84 6.95 -18.81
C THR A 270 6.41 6.93 -17.34
N GLY A 271 6.24 5.72 -16.78
CA GLY A 271 5.99 5.59 -15.35
C GLY A 271 5.05 4.44 -15.05
N GLY A 272 4.66 4.36 -13.78
CA GLY A 272 3.78 3.30 -13.32
C GLY A 272 2.34 3.78 -13.42
N LEU A 273 1.49 2.93 -14.03
CA LEU A 273 0.08 3.20 -14.15
C LEU A 273 -0.69 2.61 -12.97
N SER A 274 -1.62 3.40 -12.43
CA SER A 274 -2.44 3.00 -11.28
C SER A 274 -3.92 3.33 -11.52
N GLY A 275 -4.78 2.90 -10.59
CA GLY A 275 -6.20 3.21 -10.72
C GLY A 275 -6.97 2.13 -11.49
N LYS A 276 -8.15 2.50 -12.02
CA LYS A 276 -9.03 1.45 -12.56
C LYS A 276 -8.39 0.54 -13.61
N PRO A 277 -7.51 1.01 -14.51
CA PRO A 277 -6.94 0.08 -15.52
C PRO A 277 -6.02 -0.96 -14.90
N LEU A 278 -5.52 -0.71 -13.70
CA LEU A 278 -4.67 -1.69 -13.01
C LEU A 278 -5.50 -2.72 -12.26
N ARG A 279 -6.75 -2.39 -11.96
CA ARG A 279 -7.48 -3.13 -10.92
C ARG A 279 -7.42 -4.65 -11.16
N ASP A 280 -7.83 -5.11 -12.36
CA ASP A 280 -8.03 -6.56 -12.46
C ASP A 280 -6.73 -7.30 -12.76
N LEU A 281 -5.73 -6.66 -13.35
CA LEU A 281 -4.39 -7.23 -13.36
C LEU A 281 -3.92 -7.53 -11.94
N SER A 282 -4.13 -6.57 -11.02
CA SER A 282 -3.74 -6.77 -9.63
CA SER A 282 -3.75 -6.76 -9.62
C SER A 282 -4.53 -7.91 -8.98
N THR A 283 -5.85 -7.92 -9.16
CA THR A 283 -6.67 -8.99 -8.55
C THR A 283 -6.21 -10.36 -9.05
N GLN A 284 -5.92 -10.47 -10.35
CA GLN A 284 -5.45 -11.78 -10.87
C GLN A 284 -4.05 -12.13 -10.32
N THR A 285 -3.20 -11.12 -10.07
CA THR A 285 -1.91 -11.43 -9.47
C THR A 285 -2.08 -11.92 -8.02
N ILE A 286 -2.98 -11.32 -7.26
CA ILE A 286 -3.32 -11.82 -5.91
C ILE A 286 -3.75 -13.28 -5.99
N ARG A 287 -4.61 -13.57 -6.94
CA ARG A 287 -5.19 -14.89 -7.08
C ARG A 287 -4.10 -15.92 -7.32
N GLU A 288 -3.19 -15.60 -8.23
CA GLU A 288 -2.09 -16.49 -8.55
C GLU A 288 -1.13 -16.66 -7.37
N MET A 289 -0.76 -15.55 -6.70
CA MET A 289 0.18 -15.72 -5.58
C MET A 289 -0.43 -16.50 -4.40
N TYR A 290 -1.72 -16.32 -4.16
CA TYR A 290 -2.39 -17.06 -3.11
C TYR A 290 -2.34 -18.55 -3.41
N ALA A 291 -2.62 -18.91 -4.66
CA ALA A 291 -2.57 -20.31 -5.06
C ALA A 291 -1.16 -20.86 -4.94
N LEU A 292 -0.17 -20.14 -5.45
CA LEU A 292 1.20 -20.62 -5.45
C LEU A 292 1.77 -20.73 -4.03
N THR A 293 1.20 -20.03 -3.05
CA THR A 293 1.63 -20.17 -1.65
C THR A 293 0.64 -20.97 -0.80
N GLN A 294 -0.29 -21.66 -1.43
CA GLN A 294 -1.25 -22.51 -0.75
C GLN A 294 -2.05 -21.76 0.30
N GLY A 295 -2.28 -20.46 0.10
CA GLY A 295 -3.04 -19.72 1.08
C GLY A 295 -2.38 -19.52 2.43
N ARG A 296 -1.12 -19.87 2.58
CA ARG A 296 -0.41 -19.81 3.85
C ARG A 296 0.37 -18.52 4.06
N VAL A 297 0.41 -17.61 3.09
CA VAL A 297 1.21 -16.39 3.20
C VAL A 297 0.23 -15.21 3.07
N PRO A 298 0.02 -14.42 4.12
CA PRO A 298 -0.95 -13.30 4.03
C PRO A 298 -0.60 -12.37 2.87
N ILE A 299 -1.63 -11.89 2.20
CA ILE A 299 -1.48 -10.95 1.08
C ILE A 299 -2.23 -9.67 1.38
N ILE A 300 -1.57 -8.52 1.16
CA ILE A 300 -2.23 -7.21 1.17
C ILE A 300 -2.50 -6.85 -0.30
N GLY A 301 -3.76 -6.71 -0.67
CA GLY A 301 -4.12 -6.57 -2.08
C GLY A 301 -4.29 -5.10 -2.41
N VAL A 302 -3.73 -4.68 -3.56
CA VAL A 302 -3.70 -3.25 -3.85
C VAL A 302 -3.63 -3.07 -5.37
N GLY A 303 -4.39 -2.08 -5.86
CA GLY A 303 -4.41 -1.74 -7.28
C GLY A 303 -5.85 -1.54 -7.71
N GLY A 304 -6.23 -0.29 -7.97
CA GLY A 304 -7.56 0.04 -8.47
C GLY A 304 -8.72 -0.22 -7.49
N VAL A 305 -8.47 -0.20 -6.19
CA VAL A 305 -9.58 -0.35 -5.25
C VAL A 305 -10.27 1.00 -5.07
N SER A 306 -11.53 1.10 -5.50
CA SER A 306 -12.30 2.32 -5.24
CA SER A 306 -12.30 2.31 -5.29
C SER A 306 -13.71 2.09 -4.70
N SER A 307 -14.10 0.84 -4.44
CA SER A 307 -15.44 0.54 -3.99
C SER A 307 -15.38 -0.70 -3.11
N GLY A 308 -16.49 -0.97 -2.41
CA GLY A 308 -16.57 -2.21 -1.65
C GLY A 308 -16.45 -3.45 -2.54
N GLN A 309 -17.06 -3.42 -3.73
CA GLN A 309 -16.92 -4.55 -4.64
C GLN A 309 -15.45 -4.79 -5.02
N ASP A 310 -14.71 -3.73 -5.35
CA ASP A 310 -13.29 -3.89 -5.67
C ASP A 310 -12.56 -4.55 -4.49
N ALA A 311 -12.87 -4.10 -3.28
CA ALA A 311 -12.18 -4.62 -2.11
C ALA A 311 -12.50 -6.10 -1.92
N LEU A 312 -13.79 -6.44 -2.00
CA LEU A 312 -14.19 -7.83 -1.76
C LEU A 312 -13.70 -8.77 -2.86
N GLU A 313 -13.61 -8.28 -4.11
CA GLU A 313 -13.02 -9.15 -5.12
C GLU A 313 -11.60 -9.53 -4.74
N LYS A 314 -10.81 -8.56 -4.28
CA LYS A 314 -9.43 -8.90 -3.90
C LYS A 314 -9.39 -9.82 -2.67
N ILE A 315 -10.25 -9.57 -1.69
CA ILE A 315 -10.34 -10.47 -0.52
C ILE A 315 -10.71 -11.88 -0.95
N ARG A 316 -11.78 -12.02 -1.74
CA ARG A 316 -12.16 -13.36 -2.23
C ARG A 316 -11.03 -14.02 -3.04
N ALA A 317 -10.21 -13.22 -3.74
CA ALA A 317 -9.08 -13.75 -4.50
C ALA A 317 -7.92 -14.16 -3.61
N GLY A 318 -7.94 -13.76 -2.33
CA GLY A 318 -6.83 -14.17 -1.47
C GLY A 318 -6.24 -13.10 -0.56
N ALA A 319 -6.68 -11.85 -0.70
CA ALA A 319 -6.10 -10.81 0.15
C ALA A 319 -6.71 -10.84 1.55
N SER A 320 -5.87 -10.71 2.59
CA SER A 320 -6.38 -10.53 3.94
C SER A 320 -6.65 -9.08 4.29
N LEU A 321 -5.96 -8.14 3.63
CA LEU A 321 -6.15 -6.71 3.79
C LEU A 321 -6.09 -6.08 2.40
N VAL A 322 -6.57 -4.84 2.26
CA VAL A 322 -6.39 -4.14 0.98
C VAL A 322 -5.81 -2.74 1.25
N GLN A 323 -5.29 -2.11 0.20
CA GLN A 323 -4.91 -0.71 0.27
C GLN A 323 -5.45 0.03 -0.93
N LEU A 324 -5.50 1.36 -0.83
CA LEU A 324 -5.74 2.16 -2.02
C LEU A 324 -4.90 3.43 -1.96
N TYR A 325 -4.73 4.06 -3.13
CA TYR A 325 -4.17 5.40 -3.22
C TYR A 325 -4.92 6.18 -4.31
N THR A 326 -4.86 5.74 -5.56
CA THR A 326 -5.39 6.55 -6.66
C THR A 326 -6.85 6.96 -6.44
N ALA A 327 -7.67 6.09 -5.87
CA ALA A 327 -9.07 6.47 -5.61
C ALA A 327 -9.18 7.68 -4.68
N LEU A 328 -8.25 7.81 -3.72
CA LEU A 328 -8.26 9.00 -2.87
C LEU A 328 -7.99 10.26 -3.69
N THR A 329 -7.12 10.14 -4.72
CA THR A 329 -6.75 11.32 -5.48
C THR A 329 -7.91 11.80 -6.33
N PHE A 330 -8.81 10.90 -6.75
CA PHE A 330 -9.95 11.34 -7.55
C PHE A 330 -11.16 11.69 -6.69
N TRP A 331 -11.44 10.91 -5.62
CA TRP A 331 -12.72 11.04 -4.94
C TRP A 331 -12.60 11.71 -3.58
N GLY A 332 -11.38 11.88 -3.08
CA GLY A 332 -11.12 12.52 -1.82
C GLY A 332 -11.39 11.65 -0.60
N PRO A 333 -11.21 12.26 0.57
CA PRO A 333 -11.28 11.52 1.84
C PRO A 333 -12.55 10.70 2.03
N PRO A 334 -13.73 11.14 1.58
CA PRO A 334 -14.94 10.31 1.83
C PRO A 334 -14.89 8.92 1.22
N VAL A 335 -14.02 8.70 0.24
CA VAL A 335 -14.00 7.39 -0.38
C VAL A 335 -13.64 6.31 0.62
N VAL A 336 -12.92 6.67 1.69
CA VAL A 336 -12.49 5.63 2.64
C VAL A 336 -13.72 5.02 3.33
N GLY A 337 -14.58 5.87 3.87
CA GLY A 337 -15.80 5.37 4.49
C GLY A 337 -16.72 4.71 3.50
N LYS A 338 -16.77 5.21 2.27
CA LYS A 338 -17.57 4.58 1.22
C LYS A 338 -17.15 3.13 1.01
N VAL A 339 -15.85 2.88 0.83
CA VAL A 339 -15.37 1.53 0.60
C VAL A 339 -15.77 0.63 1.77
N LYS A 340 -15.56 1.13 3.00
CA LYS A 340 -15.84 0.30 4.17
C LYS A 340 -17.34 -0.02 4.27
N ARG A 341 -18.21 0.98 4.06
CA ARG A 341 -19.65 0.74 4.15
C ARG A 341 -20.10 -0.26 3.08
N GLU A 342 -19.62 -0.07 1.84
CA GLU A 342 -19.98 -0.99 0.76
C GLU A 342 -19.44 -2.39 1.01
N LEU A 343 -18.23 -2.49 1.57
CA LEU A 343 -17.69 -3.80 1.85
C LEU A 343 -18.52 -4.52 2.93
N GLU A 344 -18.87 -3.81 4.02
CA GLU A 344 -19.72 -4.44 5.03
C GLU A 344 -21.03 -4.93 4.43
N ALA A 345 -21.65 -4.12 3.60
CA ALA A 345 -22.94 -4.47 2.99
C ALA A 345 -22.81 -5.69 2.08
N LEU A 346 -21.74 -5.72 1.26
CA LEU A 346 -21.57 -6.88 0.37
C LEU A 346 -21.31 -8.15 1.15
N LEU A 347 -20.52 -8.06 2.25
CA LEU A 347 -20.21 -9.26 3.02
C LEU A 347 -21.51 -9.89 3.55
N LYS A 348 -22.39 -9.06 4.12
CA LYS A 348 -23.70 -9.56 4.58
C LYS A 348 -24.51 -10.13 3.42
N GLU A 349 -24.52 -9.46 2.26
CA GLU A 349 -25.31 -9.97 1.15
C GLU A 349 -24.83 -11.32 0.69
N GLN A 350 -23.53 -11.57 0.75
CA GLN A 350 -22.98 -12.84 0.32
C GLN A 350 -22.93 -13.88 1.43
N GLY A 351 -23.45 -13.55 2.61
CA GLY A 351 -23.54 -14.49 3.70
C GLY A 351 -22.26 -14.73 4.50
N PHE A 352 -21.27 -13.84 4.41
CA PHE A 352 -20.08 -13.98 5.21
C PHE A 352 -20.31 -13.38 6.59
N GLY A 353 -19.81 -14.09 7.62
CA GLY A 353 -19.86 -13.54 8.96
C GLY A 353 -18.97 -12.32 9.16
N GLY A 354 -17.86 -12.23 8.42
CA GLY A 354 -16.96 -11.09 8.50
C GLY A 354 -15.93 -11.20 7.40
N VAL A 355 -15.03 -10.22 7.35
CA VAL A 355 -13.96 -10.23 6.37
C VAL A 355 -13.21 -11.55 6.43
N THR A 356 -12.91 -12.04 7.65
CA THR A 356 -12.04 -13.20 7.78
C THR A 356 -12.58 -14.41 7.02
N ASP A 357 -13.88 -14.63 7.07
CA ASP A 357 -14.47 -15.78 6.40
C ASP A 357 -14.44 -15.64 4.89
N ALA A 358 -14.25 -14.43 4.37
CA ALA A 358 -14.24 -14.25 2.92
C ALA A 358 -12.86 -14.39 2.30
N ILE A 359 -11.80 -14.32 3.12
CA ILE A 359 -10.44 -14.38 2.58
C ILE A 359 -10.23 -15.65 1.77
N GLY A 360 -9.87 -15.49 0.50
CA GLY A 360 -9.61 -16.67 -0.32
C GLY A 360 -10.85 -17.43 -0.77
N ALA A 361 -12.05 -16.92 -0.50
CA ALA A 361 -13.26 -17.71 -0.76
C ALA A 361 -13.41 -18.20 -2.21
N ASP A 362 -12.91 -17.45 -3.21
CA ASP A 362 -13.06 -17.93 -4.59
C ASP A 362 -12.33 -19.26 -4.82
N HIS A 363 -11.25 -19.50 -4.07
CA HIS A 363 -10.47 -20.73 -4.25
C HIS A 363 -11.19 -21.95 -3.68
N ARG A 364 -12.24 -21.75 -2.89
CA ARG A 364 -12.98 -22.85 -2.29
C ARG A 364 -14.31 -23.12 -3.02
N ARG A 365 -14.52 -22.49 -4.19
CA ARG A 365 -15.70 -22.71 -5.04
C ARG A 365 -15.53 -23.97 -5.87
N1 FMN B . 4.46 2.18 -4.02
C2 FMN B . 5.60 1.86 -3.20
O2 FMN B . 5.79 0.60 -2.78
N3 FMN B . 6.50 2.92 -2.83
C4 FMN B . 6.24 4.23 -3.25
O4 FMN B . 7.07 5.19 -2.84
C4A FMN B . 5.04 4.51 -4.11
N5 FMN B . 4.90 5.71 -4.64
C5A FMN B . 3.76 5.96 -5.33
C6 FMN B . 3.46 7.26 -5.81
C7 FMN B . 2.28 7.50 -6.50
C7M FMN B . 1.97 8.97 -6.93
C8 FMN B . 1.40 6.48 -6.75
C8M FMN B . 0.08 6.75 -7.54
C9 FMN B . 1.66 5.20 -6.35
C9A FMN B . 2.84 4.94 -5.63
N10 FMN B . 3.08 3.57 -5.25
C10 FMN B . 4.25 3.43 -4.43
C1' FMN B . 2.23 2.41 -5.60
C2' FMN B . 1.03 2.32 -4.64
O2' FMN B . 1.42 2.01 -3.29
C3' FMN B . 0.11 1.17 -5.16
O3' FMN B . 0.84 -0.06 -5.14
C4' FMN B . -0.42 1.46 -6.62
O4' FMN B . -0.62 2.84 -6.88
C5' FMN B . -1.78 0.77 -6.89
O5' FMN B . -2.79 1.15 -6.00
P FMN B . -3.90 2.27 -6.50
O1P FMN B . -4.98 2.27 -5.45
O2P FMN B . -3.21 3.61 -6.58
O3P FMN B . -4.33 1.81 -7.88
N1 ORO C . 6.18 4.94 -8.05
C2 ORO C . 5.37 3.76 -8.04
O2 ORO C . 4.39 3.70 -8.72
N3 ORO C . 5.78 2.71 -7.20
C4 ORO C . 6.92 2.79 -6.36
O4 ORO C . 7.24 1.84 -5.70
C5 ORO C . 7.76 4.07 -6.37
C6 ORO C . 7.33 5.05 -7.17
C7 ORO C . 8.12 6.31 -7.32
O71 ORO C . 8.60 6.84 -6.32
O72 ORO C . 8.28 6.71 -8.50
C01 HYT D . -3.67 14.11 -6.12
C02 HYT D . -4.06 14.37 -4.67
N03 HYT D . -5.29 15.09 -4.56
O05 HYT D . -3.47 13.91 -3.71
C06 HYT D . -4.28 14.69 -7.28
O07 HYT D . -5.27 15.64 -7.32
N08 HYT D . -3.71 14.15 -8.33
N09 HYT D . -2.81 13.26 -7.88
C10 HYT D . -1.97 12.45 -8.75
N14 HYT D . -2.76 13.24 -6.57
C15 HYT D . -7.17 15.90 -0.90
C16 HYT D . -6.81 14.60 -1.18
F17 HYT D . -7.06 13.59 -0.31
C18 HYT D . -6.21 14.32 -2.41
F19 HYT D . -5.87 13.06 -2.69
C20 HYT D . -5.91 15.35 -3.29
C21 HYT D . -6.28 16.62 -3.00
F22 HYT D . -5.99 17.59 -3.86
C23 HYT D . -6.87 16.91 -1.82
F24 HYT D . -7.16 18.22 -1.62
C25 HYT D . -8.76 17.04 2.89
C27 HYT D . -7.60 16.31 2.83
C29 HYT D . -7.10 15.92 1.61
C31 HYT D . -7.78 16.28 0.44
C32 HYT D . -8.96 17.01 0.51
C34 HYT D . -9.42 17.37 1.74
C ACT E . 4.22 -0.24 17.16
O ACT E . 3.63 -1.34 17.32
OXT ACT E . 4.23 0.52 18.15
CH3 ACT E . 4.89 0.17 15.83
C ACT F . -10.54 -11.37 -12.31
O ACT F . -9.96 -11.69 -11.24
OXT ACT F . -11.39 -12.10 -12.91
CH3 ACT F . -10.23 -10.04 -12.89
CL CL G . -1.82 16.06 -15.39
CL CL H . -0.28 7.00 -27.80
CL CL I . 7.19 3.18 -18.53
#